data_5Y97
#
_entry.id   5Y97
#
_cell.length_a   109.429
_cell.length_b   109.429
_cell.length_c   232.668
_cell.angle_alpha   90.00
_cell.angle_beta   90.00
_cell.angle_gamma   120.00
#
_symmetry.space_group_name_H-M   'P 61 2 2'
#
loop_
_entity.id
_entity.type
_entity.pdbx_description
1 polymer 'Seed lectin'
2 polymer 'Seed lectin'
3 polymer 'Seed lectin'
4 branched beta-D-galactopyranose-(1-4)-beta-D-glucopyranose
5 non-polymer 2-acetamido-2-deoxy-beta-D-glucopyranose
6 water water
#
loop_
_entity_poly.entity_id
_entity_poly.type
_entity_poly.pdbx_seq_one_letter_code
_entity_poly.pdbx_strand_id
1 'polypeptide(L)' ANLRLSEANSGTYKTFIGRVREELGSETYRLYGIPVLKHSL A
2 'polypeptide(L)'
;SNRFYLLTLTSNQDESITLAIDVEDMVAVAYQPAGSHESYFFLNAPQIAFHTLFTDTHQNVLNFDNTFKSLENAAGTTRQ
TIVLGVDPLDFAISNLFNADPKLLPLSFLVIIQMVLEASKFRFIEQSVAYSFKNEKTFLPDLAIVSLEDNWSEISLQIQA
STSLQGLFGSVVELYNSNNELIEVDSIYYPIILANVALQLYHCQVSTGD
;
B
3 'polypeptide(L)'
;NECLVETRTTRISGRDALCVDVAGALTSDGSRLILYPCGQQVNQKWTFHSDGTVRSLGKCLATNNSKFGNLVVIYDCSKL
AAEDISWDVSVGGTIMNPNYEDLALTSNKATRSTNLTMEVNTYSASQGWRVGNYVQPIIGSIVGLDDMCLEATDGNTNMW
LEECVPNQREQSWALYSDGTIRVDDNRELCVTASSSTYDNWKVITILNCDGSNNQRWVFLADGSISTPGNQRLAMDVARS
DVDLKKIILHRPHGDLNQQWVLFY
;
C
#
loop_
_chem_comp.id
_chem_comp.type
_chem_comp.name
_chem_comp.formula
BGC D-saccharide, beta linking beta-D-glucopyranose 'C6 H12 O6'
GAL D-saccharide, beta linking beta-D-galactopyranose 'C6 H12 O6'
NAG D-saccharide, beta linking 2-acetamido-2-deoxy-beta-D-glucopyranose 'C8 H15 N O6'
#
# COMPACT_ATOMS: atom_id res chain seq x y z
N ALA A 1 -6.80 -15.07 -20.19
CA ALA A 1 -5.70 -14.17 -19.70
C ALA A 1 -4.34 -14.52 -20.30
N ASN A 2 -4.11 -14.04 -21.52
CA ASN A 2 -2.90 -14.38 -22.27
C ASN A 2 -1.96 -13.20 -22.28
N LEU A 3 -0.73 -13.38 -21.79
CA LEU A 3 0.34 -12.42 -21.95
C LEU A 3 1.25 -13.03 -23.01
N ARG A 4 1.38 -12.33 -24.13
CA ARG A 4 2.25 -12.80 -25.23
C ARG A 4 3.49 -11.97 -25.23
N LEU A 5 4.67 -12.52 -25.00
CA LEU A 5 5.84 -11.65 -24.88
C LEU A 5 6.29 -10.97 -26.19
N SER A 6 6.21 -11.68 -27.30
CA SER A 6 6.73 -11.16 -28.59
C SER A 6 6.22 -9.75 -28.92
N GLU A 7 5.00 -9.42 -28.49
CA GLU A 7 4.50 -8.05 -28.69
C GLU A 7 4.01 -7.47 -27.37
N ALA A 8 4.90 -7.41 -26.40
CA ALA A 8 4.57 -6.95 -25.04
C ALA A 8 5.37 -5.72 -24.64
N ASN A 9 4.70 -4.85 -23.90
CA ASN A 9 5.31 -3.66 -23.33
C ASN A 9 4.71 -3.45 -21.96
N SER A 10 5.12 -2.40 -21.25
CA SER A 10 4.59 -2.09 -19.93
C SER A 10 3.07 -1.90 -19.95
N GLY A 11 2.56 -1.41 -21.08
CA GLY A 11 1.12 -1.16 -21.23
C GLY A 11 0.30 -2.43 -21.15
N THR A 12 0.61 -3.37 -22.05
CA THR A 12 -0.06 -4.67 -22.14
C THR A 12 0.30 -5.54 -20.96
N TYR A 13 1.53 -5.50 -20.46
CA TYR A 13 1.90 -6.14 -19.21
C TYR A 13 1.02 -5.65 -18.04
N LYS A 14 0.82 -4.37 -17.86
CA LYS A 14 -0.04 -3.84 -16.81
C LYS A 14 -1.50 -4.23 -17.01
N THR A 15 -1.96 -4.23 -18.27
CA THR A 15 -3.33 -4.65 -18.54
C THR A 15 -3.55 -6.10 -18.18
N PHE A 16 -2.51 -6.90 -18.35
CA PHE A 16 -2.51 -8.34 -18.03
C PHE A 16 -2.57 -8.52 -16.53
N ILE A 17 -1.66 -7.90 -15.80
CA ILE A 17 -1.73 -7.93 -14.30
C ILE A 17 -3.11 -7.45 -13.88
N GLY A 18 -3.61 -6.43 -14.55
CA GLY A 18 -4.97 -5.95 -14.34
C GLY A 18 -6.04 -6.99 -14.44
N ARG A 19 -5.96 -7.81 -15.48
CA ARG A 19 -6.89 -8.90 -15.70
C ARG A 19 -6.78 -10.00 -14.63
N VAL A 20 -5.54 -10.34 -14.24
CA VAL A 20 -5.32 -11.30 -13.15
C VAL A 20 -6.07 -10.78 -11.92
N ARG A 21 -5.73 -9.59 -11.48
CA ARG A 21 -6.34 -8.96 -10.28
C ARG A 21 -7.84 -8.84 -10.39
N GLU A 22 -8.40 -8.51 -11.55
CA GLU A 22 -9.84 -8.42 -11.68
C GLU A 22 -10.59 -9.74 -11.55
N GLU A 23 -9.97 -10.81 -12.03
CA GLU A 23 -10.63 -12.12 -11.99
C GLU A 23 -10.39 -12.88 -10.66
N LEU A 24 -9.23 -12.71 -10.06
CA LEU A 24 -8.95 -13.17 -8.68
C LEU A 24 -9.54 -12.37 -7.53
N GLY A 25 -9.66 -11.08 -7.64
CA GLY A 25 -10.08 -10.24 -6.51
C GLY A 25 -11.59 -10.11 -6.47
N SER A 26 -12.12 -10.21 -5.26
CA SER A 26 -13.55 -10.10 -5.00
C SER A 26 -14.05 -8.72 -5.32
N GLU A 27 -15.27 -8.69 -5.85
CA GLU A 27 -16.01 -7.43 -6.08
C GLU A 27 -16.70 -7.00 -4.77
N THR A 28 -17.47 -7.92 -4.20
CA THR A 28 -18.19 -7.58 -2.96
C THR A 28 -17.35 -7.30 -1.67
N TYR A 29 -16.50 -8.26 -1.34
CA TYR A 29 -15.72 -8.16 -0.13
C TYR A 29 -14.37 -7.51 -0.32
N ARG A 30 -14.26 -6.34 0.29
CA ARG A 30 -12.98 -5.58 0.33
C ARG A 30 -12.91 -4.98 1.71
N LEU A 31 -11.72 -4.69 2.15
CA LEU A 31 -11.48 -4.07 3.48
C LEU A 31 -10.47 -2.97 3.23
N TYR A 32 -10.82 -1.78 3.69
CA TYR A 32 -10.10 -0.56 3.38
C TYR A 32 -9.90 -0.38 1.87
N GLY A 33 -10.84 -0.88 1.08
CA GLY A 33 -10.79 -0.93 -0.41
C GLY A 33 -9.80 -1.88 -1.08
N ILE A 34 -9.23 -2.77 -0.31
CA ILE A 34 -8.35 -3.86 -0.81
C ILE A 34 -9.14 -5.14 -0.91
N PRO A 35 -9.31 -5.68 -2.14
CA PRO A 35 -10.12 -6.89 -2.28
C PRO A 35 -9.47 -8.18 -1.72
N VAL A 36 -10.31 -8.98 -1.03
CA VAL A 36 -9.96 -10.32 -0.66
C VAL A 36 -10.13 -11.23 -1.88
N LEU A 37 -9.29 -12.24 -2.00
CA LEU A 37 -9.39 -13.20 -3.08
C LEU A 37 -10.75 -13.87 -3.09
N LYS A 38 -11.21 -14.22 -4.26
CA LYS A 38 -12.57 -14.78 -4.45
C LYS A 38 -12.69 -16.15 -3.81
N HIS A 39 -13.89 -16.48 -3.34
CA HIS A 39 -14.11 -17.81 -2.75
C HIS A 39 -14.16 -18.89 -3.83
N SER A 40 -14.82 -18.57 -4.94
CA SER A 40 -14.94 -19.50 -6.05
C SER A 40 -14.76 -18.81 -7.39
N LEU A 41 -14.94 -19.56 -8.48
CA LEU A 41 -14.81 -19.01 -9.82
C LEU A 41 -15.52 -19.87 -10.85
N ASN B 2 -15.70 -23.51 -9.40
CA ASN B 2 -14.36 -23.69 -9.97
C ASN B 2 -13.29 -23.03 -9.07
N ARG B 3 -12.39 -23.84 -8.56
CA ARG B 3 -11.37 -23.38 -7.62
C ARG B 3 -10.05 -22.93 -8.26
N PHE B 4 -9.83 -23.21 -9.52
CA PHE B 4 -8.53 -22.87 -10.13
C PHE B 4 -8.68 -21.88 -11.27
N TYR B 5 -7.59 -21.15 -11.54
CA TYR B 5 -7.67 -20.11 -12.57
C TYR B 5 -6.50 -20.24 -13.52
N LEU B 6 -6.78 -20.40 -14.84
CA LEU B 6 -5.75 -20.63 -15.82
C LEU B 6 -5.38 -19.36 -16.54
N LEU B 7 -4.11 -19.19 -16.78
CA LEU B 7 -3.63 -18.17 -17.60
C LEU B 7 -2.49 -18.66 -18.49
N THR B 8 -2.33 -17.98 -19.65
CA THR B 8 -1.40 -18.47 -20.67
C THR B 8 -0.23 -17.54 -20.94
N LEU B 9 0.99 -18.08 -20.88
CA LEU B 9 2.20 -17.34 -21.14
C LEU B 9 2.84 -17.87 -22.41
N THR B 10 2.89 -17.03 -23.45
CA THR B 10 3.54 -17.40 -24.72
C THR B 10 4.90 -16.73 -24.89
N SER B 11 5.84 -17.42 -25.54
CA SER B 11 7.21 -16.93 -25.67
C SER B 11 7.51 -16.22 -26.96
N ASN B 12 8.80 -15.95 -27.16
CA ASN B 12 9.34 -15.21 -28.33
C ASN B 12 9.39 -16.09 -29.57
N GLN B 13 9.12 -17.39 -29.39
CA GLN B 13 8.97 -18.33 -30.51
C GLN B 13 7.50 -18.79 -30.68
N ASP B 14 6.56 -18.11 -30.02
CA ASP B 14 5.16 -18.56 -29.96
C ASP B 14 4.99 -19.92 -29.28
N GLU B 15 5.84 -20.19 -28.29
CA GLU B 15 5.64 -21.35 -27.41
C GLU B 15 4.77 -21.01 -26.21
N SER B 16 3.57 -21.61 -26.11
CA SER B 16 2.60 -21.29 -25.06
C SER B 16 2.58 -22.31 -23.96
N ILE B 17 2.63 -21.89 -22.69
CA ILE B 17 2.23 -22.77 -21.57
C ILE B 17 0.98 -22.19 -20.93
N THR B 18 0.22 -23.06 -20.30
CA THR B 18 -0.94 -22.66 -19.51
C THR B 18 -0.70 -23.02 -18.08
N LEU B 19 -0.70 -21.98 -17.22
CA LEU B 19 -0.41 -22.12 -15.81
C LEU B 19 -1.69 -22.04 -14.98
N ALA B 20 -1.74 -22.84 -13.95
CA ALA B 20 -2.94 -22.92 -13.08
C ALA B 20 -2.68 -22.43 -11.67
N ILE B 21 -3.50 -21.46 -11.27
CA ILE B 21 -3.38 -20.81 -9.97
C ILE B 21 -4.53 -21.30 -9.09
N ASP B 22 -4.18 -21.72 -7.88
CA ASP B 22 -5.13 -22.00 -6.82
C ASP B 22 -5.60 -20.60 -6.37
N VAL B 23 -6.87 -20.31 -6.63
CA VAL B 23 -7.44 -19.02 -6.21
C VAL B 23 -7.44 -18.89 -4.69
N GLU B 24 -7.53 -20.03 -3.99
CA GLU B 24 -7.61 -19.99 -2.54
C GLU B 24 -6.35 -19.37 -1.88
N ASP B 25 -5.16 -19.82 -2.28
CA ASP B 25 -3.89 -19.40 -1.70
C ASP B 25 -3.02 -18.59 -2.63
N MET B 26 -3.48 -18.32 -3.86
CA MET B 26 -2.68 -17.57 -4.79
C MET B 26 -1.27 -18.15 -5.00
N VAL B 27 -1.25 -19.43 -5.38
CA VAL B 27 0.01 -20.10 -5.71
C VAL B 27 -0.19 -20.84 -7.00
N ALA B 28 0.88 -21.12 -7.71
CA ALA B 28 0.77 -22.02 -8.88
C ALA B 28 0.76 -23.48 -8.42
N VAL B 29 -0.21 -24.23 -8.95
CA VAL B 29 -0.31 -25.68 -8.69
C VAL B 29 0.16 -26.62 -9.83
N ALA B 30 -0.13 -26.19 -11.07
CA ALA B 30 0.21 -27.05 -12.20
C ALA B 30 0.32 -26.25 -13.48
N TYR B 31 0.93 -26.83 -14.48
CA TYR B 31 0.89 -26.25 -15.84
C TYR B 31 0.91 -27.31 -16.92
N GLN B 32 0.55 -26.86 -18.12
CA GLN B 32 0.61 -27.71 -19.31
C GLN B 32 1.21 -26.94 -20.49
N PRO B 33 2.27 -27.48 -21.13
CA PRO B 33 2.68 -26.95 -22.41
C PRO B 33 1.62 -27.19 -23.47
N ALA B 34 1.44 -26.24 -24.35
CA ALA B 34 0.41 -26.32 -25.44
C ALA B 34 0.72 -27.44 -26.40
N GLY B 35 -0.32 -28.24 -26.70
CA GLY B 35 -0.20 -29.46 -27.52
C GLY B 35 0.73 -30.53 -26.96
N SER B 36 0.70 -30.72 -25.64
CA SER B 36 1.53 -31.73 -25.00
C SER B 36 0.64 -32.65 -24.16
N HIS B 37 0.97 -33.95 -24.17
CA HIS B 37 0.22 -34.93 -23.34
C HIS B 37 0.71 -34.98 -21.92
N GLU B 38 1.86 -34.33 -21.64
CA GLU B 38 2.33 -34.20 -20.28
C GLU B 38 1.80 -32.94 -19.64
N SER B 39 1.44 -33.02 -18.35
CA SER B 39 1.19 -31.90 -17.50
C SER B 39 1.94 -32.11 -16.18
N TYR B 40 2.32 -31.00 -15.52
CA TYR B 40 3.26 -31.06 -14.42
C TYR B 40 2.72 -30.35 -13.20
N PHE B 41 2.85 -31.04 -12.07
CA PHE B 41 2.19 -30.62 -10.83
C PHE B 41 3.19 -30.51 -9.75
N PHE B 42 3.07 -29.46 -8.93
CA PHE B 42 3.92 -29.35 -7.72
C PHE B 42 3.62 -30.45 -6.71
N LEU B 43 4.64 -30.81 -5.96
CA LEU B 43 4.50 -31.93 -5.04
C LEU B 43 3.42 -31.69 -3.98
N ASN B 44 3.28 -30.42 -3.56
CA ASN B 44 2.22 -30.00 -2.65
C ASN B 44 0.97 -29.43 -3.24
N ALA B 45 0.73 -29.60 -4.54
CA ALA B 45 -0.50 -29.24 -5.18
C ALA B 45 -1.69 -29.95 -4.56
N PRO B 46 -2.81 -29.25 -4.46
CA PRO B 46 -3.98 -29.82 -3.75
C PRO B 46 -4.62 -30.94 -4.57
N GLN B 47 -5.17 -31.95 -3.92
CA GLN B 47 -5.80 -33.09 -4.57
C GLN B 47 -6.82 -32.76 -5.66
N ILE B 48 -7.73 -31.90 -5.31
CA ILE B 48 -8.72 -31.44 -6.28
C ILE B 48 -8.11 -31.00 -7.66
N ALA B 49 -6.90 -30.44 -7.57
CA ALA B 49 -6.16 -29.97 -8.76
C ALA B 49 -5.87 -31.17 -9.66
N PHE B 50 -5.35 -32.24 -9.08
CA PHE B 50 -5.09 -33.47 -9.84
C PHE B 50 -6.38 -34.04 -10.44
N HIS B 51 -7.48 -33.99 -9.66
CA HIS B 51 -8.74 -34.50 -10.12
C HIS B 51 -9.52 -33.58 -11.12
N THR B 52 -9.18 -32.30 -11.19
CA THR B 52 -9.89 -31.36 -12.03
C THR B 52 -9.12 -30.80 -13.24
N LEU B 53 -7.88 -30.40 -13.02
CA LEU B 53 -7.01 -29.82 -14.04
C LEU B 53 -6.29 -30.85 -14.84
N PHE B 54 -6.19 -30.59 -16.15
CA PHE B 54 -5.37 -31.34 -17.10
C PHE B 54 -5.62 -32.85 -17.02
N THR B 55 -6.90 -33.21 -17.13
CA THR B 55 -7.34 -34.58 -17.01
C THR B 55 -6.98 -35.45 -18.22
N ASP B 56 -6.81 -34.77 -19.36
CA ASP B 56 -6.48 -35.38 -20.63
C ASP B 56 -4.96 -35.50 -20.86
N THR B 57 -4.21 -35.77 -19.81
CA THR B 57 -2.74 -35.74 -19.87
C THR B 57 -2.17 -36.68 -18.83
N HIS B 58 -0.92 -37.05 -19.08
CA HIS B 58 -0.09 -37.72 -18.09
C HIS B 58 0.41 -36.69 -17.07
N GLN B 59 -0.10 -36.75 -15.83
CA GLN B 59 0.17 -35.79 -14.82
C GLN B 59 1.40 -36.20 -14.00
N ASN B 60 2.44 -35.43 -14.15
CA ASN B 60 3.70 -35.71 -13.45
C ASN B 60 3.87 -34.88 -12.20
N VAL B 61 4.30 -35.55 -11.12
CA VAL B 61 4.57 -34.86 -9.88
C VAL B 61 6.02 -34.38 -9.81
N LEU B 62 6.22 -33.06 -9.75
CA LEU B 62 7.54 -32.47 -9.67
C LEU B 62 8.19 -32.76 -8.32
N ASN B 63 9.50 -32.56 -8.31
CA ASN B 63 10.38 -32.89 -7.18
C ASN B 63 10.56 -31.84 -6.06
N PHE B 64 9.69 -30.83 -6.11
CA PHE B 64 9.65 -29.76 -5.14
C PHE B 64 8.22 -29.29 -4.95
N ASP B 65 8.02 -28.48 -3.93
CA ASP B 65 6.75 -27.77 -3.73
C ASP B 65 6.80 -26.33 -4.16
N ASN B 66 5.63 -25.72 -4.31
CA ASN B 66 5.51 -24.35 -4.74
C ASN B 66 5.86 -23.28 -3.69
N THR B 67 6.36 -23.71 -2.54
CA THR B 67 6.91 -22.82 -1.55
C THR B 67 8.23 -22.24 -2.00
N PHE B 68 8.49 -20.99 -1.61
CA PHE B 68 9.78 -20.35 -1.94
C PHE B 68 10.98 -21.14 -1.49
N LYS B 69 10.95 -21.62 -0.24
CA LYS B 69 12.04 -22.40 0.33
C LYS B 69 12.37 -23.61 -0.54
N SER B 70 11.35 -24.29 -1.02
CA SER B 70 11.59 -25.49 -1.81
C SER B 70 12.05 -25.13 -3.23
N LEU B 71 11.52 -24.08 -3.86
CA LEU B 71 12.01 -23.68 -5.10
C LEU B 71 13.45 -23.17 -5.04
N GLU B 72 13.80 -22.55 -3.92
CA GLU B 72 15.17 -22.02 -3.75
C GLU B 72 16.12 -23.14 -3.49
N ASN B 73 15.82 -24.08 -2.60
CA ASN B 73 16.67 -25.20 -2.41
C ASN B 73 16.81 -26.06 -3.67
N ALA B 74 15.77 -26.17 -4.44
CA ALA B 74 15.77 -26.93 -5.68
C ALA B 74 16.53 -26.23 -6.80
N ALA B 75 16.49 -24.89 -6.82
CA ALA B 75 17.27 -24.14 -7.87
C ALA B 75 18.68 -23.84 -7.44
N GLY B 76 18.99 -23.99 -6.14
CA GLY B 76 20.36 -23.82 -5.65
C GLY B 76 20.80 -22.42 -5.42
N THR B 77 19.86 -21.47 -5.43
CA THR B 77 20.08 -20.03 -5.33
C THR B 77 18.96 -19.39 -4.51
N THR B 78 19.06 -18.07 -4.28
CA THR B 78 17.99 -17.31 -3.63
C THR B 78 17.34 -16.35 -4.61
N ARG B 79 16.09 -15.96 -4.31
CA ARG B 79 15.41 -14.88 -5.04
C ARG B 79 16.29 -13.61 -5.16
N GLN B 80 17.09 -13.38 -4.10
CA GLN B 80 18.14 -12.37 -4.01
C GLN B 80 19.28 -12.49 -4.99
N THR B 81 19.28 -13.59 -5.76
CA THR B 81 20.25 -13.85 -6.79
C THR B 81 19.67 -13.90 -8.19
N ILE B 82 18.42 -14.35 -8.32
CA ILE B 82 17.84 -14.52 -9.66
C ILE B 82 17.34 -13.26 -10.27
N VAL B 83 17.74 -12.95 -11.50
CA VAL B 83 17.34 -11.72 -12.16
C VAL B 83 15.99 -11.90 -12.87
N LEU B 84 15.27 -10.82 -12.94
CA LEU B 84 13.89 -10.81 -13.49
C LEU B 84 13.88 -9.75 -14.57
N GLY B 85 12.99 -9.91 -15.55
CA GLY B 85 12.93 -9.05 -16.70
C GLY B 85 12.26 -9.73 -17.84
N VAL B 86 12.11 -8.99 -18.95
CA VAL B 86 11.47 -9.52 -20.14
C VAL B 86 12.17 -10.75 -20.67
N ASP B 87 13.49 -10.67 -20.83
CA ASP B 87 14.27 -11.77 -21.39
C ASP B 87 14.36 -13.01 -20.48
N PRO B 88 14.63 -12.76 -19.19
CA PRO B 88 14.62 -13.96 -18.32
C PRO B 88 13.24 -14.60 -18.23
N LEU B 89 12.17 -13.84 -18.30
CA LEU B 89 10.82 -14.42 -18.41
C LEU B 89 10.66 -15.28 -19.65
N ASP B 90 11.02 -14.74 -20.77
CA ASP B 90 11.02 -15.42 -22.09
C ASP B 90 11.69 -16.80 -21.95
N PHE B 91 12.90 -16.76 -21.43
CA PHE B 91 13.68 -17.95 -21.17
C PHE B 91 12.96 -18.93 -20.23
N ALA B 92 12.39 -18.41 -19.13
CA ALA B 92 11.62 -19.28 -18.21
C ALA B 92 10.41 -19.97 -18.86
N ILE B 93 9.68 -19.22 -19.69
CA ILE B 93 8.61 -19.80 -20.47
C ILE B 93 9.08 -20.99 -21.35
N SER B 94 10.14 -20.77 -22.11
CA SER B 94 10.74 -21.85 -22.92
C SER B 94 11.09 -23.05 -22.10
N ASN B 95 11.76 -22.85 -20.98
CA ASN B 95 12.18 -23.94 -20.13
C ASN B 95 11.02 -24.79 -19.64
N LEU B 96 9.92 -24.12 -19.25
CA LEU B 96 8.70 -24.82 -18.84
C LEU B 96 8.03 -25.52 -20.02
N PHE B 97 8.07 -24.92 -21.19
CA PHE B 97 7.54 -25.54 -22.40
C PHE B 97 8.26 -26.88 -22.73
N ASN B 98 9.60 -26.84 -22.64
CA ASN B 98 10.46 -27.95 -22.89
C ASN B 98 10.58 -28.91 -21.70
N ALA B 99 9.99 -28.55 -20.56
CA ALA B 99 10.04 -29.36 -19.38
C ALA B 99 11.46 -29.74 -18.95
N ASP B 100 12.39 -28.77 -19.01
CA ASP B 100 13.73 -29.03 -18.62
C ASP B 100 13.87 -29.10 -17.09
N PRO B 101 14.18 -30.31 -16.57
CA PRO B 101 14.22 -30.52 -15.15
C PRO B 101 15.32 -29.76 -14.38
N LYS B 102 16.45 -29.53 -15.07
CA LYS B 102 17.62 -28.85 -14.51
C LYS B 102 17.41 -27.37 -14.31
N LEU B 103 16.41 -26.79 -15.01
CA LEU B 103 16.05 -25.38 -14.87
C LEU B 103 14.74 -25.06 -14.14
N LEU B 104 13.78 -25.97 -14.16
CA LEU B 104 12.44 -25.80 -13.65
C LEU B 104 12.28 -24.94 -12.40
N PRO B 105 12.96 -25.29 -11.29
CA PRO B 105 12.68 -24.52 -10.09
C PRO B 105 12.97 -23.02 -10.27
N LEU B 106 14.10 -22.71 -10.90
CA LEU B 106 14.45 -21.36 -11.23
C LEU B 106 13.51 -20.75 -12.23
N SER B 107 13.11 -21.51 -13.26
CA SER B 107 12.10 -21.00 -14.20
C SER B 107 10.78 -20.58 -13.50
N PHE B 108 10.31 -21.40 -12.56
CA PHE B 108 9.22 -20.98 -11.69
C PHE B 108 9.47 -19.72 -10.84
N LEU B 109 10.65 -19.62 -10.27
CA LEU B 109 10.98 -18.43 -9.44
C LEU B 109 10.83 -17.17 -10.29
N VAL B 110 11.22 -17.19 -11.54
CA VAL B 110 10.97 -16.03 -12.42
C VAL B 110 9.48 -15.80 -12.66
N ILE B 111 8.74 -16.86 -13.03
CA ILE B 111 7.36 -16.72 -13.43
C ILE B 111 6.50 -16.25 -12.24
N ILE B 112 6.65 -16.96 -11.13
CA ILE B 112 5.86 -16.67 -9.94
C ILE B 112 6.07 -15.24 -9.51
N GLN B 113 7.32 -14.82 -9.41
CA GLN B 113 7.64 -13.46 -8.98
C GLN B 113 7.03 -12.41 -9.93
N MET B 114 7.27 -12.59 -11.22
CA MET B 114 6.83 -11.64 -12.22
C MET B 114 5.34 -11.65 -12.54
N VAL B 115 4.57 -12.63 -12.10
CA VAL B 115 3.16 -12.67 -12.32
C VAL B 115 2.32 -12.70 -11.02
N LEU B 116 2.63 -13.60 -10.13
CA LEU B 116 1.80 -13.75 -8.93
C LEU B 116 2.19 -12.73 -7.87
N GLU B 117 3.49 -12.53 -7.64
CA GLU B 117 3.89 -11.52 -6.67
C GLU B 117 3.62 -10.11 -7.20
N ALA B 118 3.76 -9.95 -8.51
CA ALA B 118 3.38 -8.69 -9.18
C ALA B 118 1.88 -8.42 -9.05
N SER B 119 1.04 -9.45 -9.05
CA SER B 119 -0.40 -9.17 -8.88
C SER B 119 -0.72 -8.78 -7.44
N LYS B 120 0.07 -9.26 -6.50
CA LYS B 120 -0.19 -9.00 -5.08
C LYS B 120 0.21 -7.59 -4.62
N PHE B 121 1.24 -7.03 -5.24
CA PHE B 121 1.85 -5.77 -4.79
C PHE B 121 2.16 -4.86 -5.99
N ARG B 122 1.67 -3.61 -5.94
CA ARG B 122 1.89 -2.64 -7.00
C ARG B 122 3.35 -2.21 -7.11
N PHE B 123 4.07 -2.25 -5.99
CA PHE B 123 5.51 -2.01 -6.00
C PHE B 123 6.27 -3.00 -6.87
N ILE B 124 5.86 -4.25 -6.83
CA ILE B 124 6.47 -5.34 -7.60
C ILE B 124 6.03 -5.24 -9.05
N GLU B 125 4.73 -5.05 -9.26
CA GLU B 125 4.23 -4.71 -10.59
C GLU B 125 5.05 -3.60 -11.27
N GLN B 126 5.29 -2.51 -10.59
CA GLN B 126 6.03 -1.39 -11.21
C GLN B 126 7.49 -1.69 -11.40
N SER B 127 8.11 -2.40 -10.48
CA SER B 127 9.47 -2.86 -10.64
C SER B 127 9.61 -3.70 -11.91
N VAL B 128 8.61 -4.56 -12.18
CA VAL B 128 8.64 -5.38 -13.38
C VAL B 128 8.33 -4.56 -14.65
N ALA B 129 7.35 -3.68 -14.57
CA ALA B 129 7.02 -2.78 -15.70
C ALA B 129 8.24 -1.97 -16.09
N TYR B 130 9.03 -1.49 -15.16
CA TYR B 130 10.28 -0.79 -15.47
C TYR B 130 11.29 -1.61 -16.28
N SER B 131 11.33 -2.90 -16.09
CA SER B 131 12.20 -3.79 -16.89
C SER B 131 11.77 -3.79 -18.35
N PHE B 132 10.42 -3.81 -18.57
CA PHE B 132 9.88 -3.79 -19.92
C PHE B 132 10.15 -2.44 -20.56
N LYS B 133 9.91 -1.38 -19.83
CA LYS B 133 10.04 0.00 -20.30
C LYS B 133 11.49 0.29 -20.69
N ASN B 134 12.41 0.05 -19.75
CA ASN B 134 13.81 0.43 -19.90
C ASN B 134 14.68 -0.64 -20.54
N GLU B 135 14.08 -1.72 -21.05
CA GLU B 135 14.85 -2.85 -21.61
C GLU B 135 15.87 -3.55 -20.73
N LYS B 136 15.83 -3.42 -19.40
CA LYS B 136 16.94 -3.92 -18.55
C LYS B 136 16.42 -4.57 -17.28
N THR B 137 17.14 -5.57 -16.77
CA THR B 137 16.58 -6.49 -15.82
C THR B 137 17.00 -6.15 -14.38
N PHE B 138 16.45 -6.84 -13.40
CA PHE B 138 16.79 -6.57 -11.97
C PHE B 138 16.64 -7.85 -11.22
N LEU B 139 17.45 -7.93 -10.18
CA LEU B 139 17.37 -9.00 -9.25
C LEU B 139 17.00 -8.26 -8.01
N PRO B 140 15.92 -8.71 -7.36
CA PRO B 140 15.25 -8.17 -6.18
C PRO B 140 16.08 -8.12 -4.91
N ASP B 141 15.90 -7.00 -4.22
CA ASP B 141 16.56 -6.72 -2.96
C ASP B 141 15.61 -7.12 -1.85
N LEU B 142 15.89 -6.62 -0.66
CA LEU B 142 15.08 -6.90 0.50
C LEU B 142 13.67 -6.36 0.31
N ALA B 143 13.54 -5.20 -0.34
CA ALA B 143 12.24 -4.58 -0.45
C ALA B 143 11.12 -5.41 -1.10
N ILE B 144 11.46 -6.11 -2.20
CA ILE B 144 10.55 -7.02 -2.86
C ILE B 144 10.52 -8.31 -2.08
N VAL B 145 11.67 -8.74 -1.54
CA VAL B 145 11.69 -10.04 -0.82
C VAL B 145 10.86 -9.96 0.46
N SER B 146 10.90 -8.83 1.13
CA SER B 146 10.13 -8.65 2.39
C SER B 146 8.63 -8.66 2.10
N LEU B 147 8.18 -8.09 0.97
CA LEU B 147 6.79 -8.10 0.67
C LEU B 147 6.33 -9.52 0.34
N GLU B 148 7.07 -10.19 -0.52
CA GLU B 148 6.80 -11.58 -0.91
C GLU B 148 6.68 -12.49 0.29
N ASP B 149 7.66 -12.46 1.14
CA ASP B 149 7.73 -13.20 2.39
C ASP B 149 6.62 -12.84 3.39
N ASN B 150 6.12 -11.61 3.35
CA ASN B 150 5.13 -11.13 4.35
C ASN B 150 3.71 -11.02 3.89
N TRP B 151 3.41 -11.40 2.65
CA TRP B 151 2.04 -11.27 2.11
C TRP B 151 0.91 -11.82 2.93
N SER B 152 1.08 -13.04 3.43
CA SER B 152 0.10 -13.72 4.24
C SER B 152 -0.07 -13.09 5.60
N GLU B 153 1.04 -12.64 6.17
CA GLU B 153 1.00 -12.00 7.49
C GLU B 153 0.35 -10.63 7.32
N ILE B 154 0.71 -9.89 6.25
CA ILE B 154 0.09 -8.59 5.97
C ILE B 154 -1.41 -8.80 5.83
N SER B 155 -1.84 -9.76 4.97
CA SER B 155 -3.22 -10.01 4.82
C SER B 155 -3.99 -10.27 6.15
N LEU B 156 -3.37 -11.04 7.01
CA LEU B 156 -3.93 -11.41 8.32
C LEU B 156 -4.03 -10.19 9.22
N GLN B 157 -3.02 -9.33 9.18
CA GLN B 157 -2.97 -8.12 9.95
C GLN B 157 -3.86 -7.03 9.44
N ILE B 158 -4.10 -6.95 8.13
CA ILE B 158 -5.13 -6.06 7.61
C ILE B 158 -6.48 -6.48 8.18
N GLN B 159 -6.76 -7.79 8.07
CA GLN B 159 -8.03 -8.30 8.55
C GLN B 159 -8.19 -8.15 10.04
N ALA B 160 -7.10 -8.34 10.76
CA ALA B 160 -7.08 -8.19 12.21
C ALA B 160 -7.31 -6.79 12.71
N SER B 161 -6.69 -5.84 12.06
CA SER B 161 -6.84 -4.39 12.39
C SER B 161 -8.28 -3.91 12.46
N THR B 162 -9.20 -4.58 11.79
CA THR B 162 -10.58 -4.18 11.75
C THR B 162 -11.25 -4.39 13.13
N SER B 163 -10.59 -4.96 14.11
CA SER B 163 -11.09 -5.06 15.44
C SER B 163 -10.48 -4.01 16.39
N LEU B 164 -9.68 -3.13 15.87
CA LEU B 164 -9.03 -2.09 16.68
C LEU B 164 -8.48 -0.95 15.86
N GLN B 165 -9.36 -0.15 15.25
CA GLN B 165 -9.02 1.15 14.66
C GLN B 165 -7.88 1.11 13.62
N GLY B 166 -7.76 0.03 12.87
CA GLY B 166 -6.68 -0.09 11.88
C GLY B 166 -5.31 -0.35 12.40
N LEU B 167 -5.16 -0.75 13.64
CA LEU B 167 -3.84 -1.13 14.18
C LEU B 167 -3.55 -2.61 14.02
N PHE B 168 -2.34 -3.01 13.73
CA PHE B 168 -2.02 -4.42 13.59
C PHE B 168 -1.91 -5.09 14.94
N GLY B 169 -2.12 -6.42 14.95
CA GLY B 169 -1.82 -7.29 16.08
C GLY B 169 -0.34 -7.48 16.34
N SER B 170 0.45 -7.37 15.29
CA SER B 170 1.89 -7.53 15.41
C SER B 170 2.64 -6.76 14.34
N VAL B 171 3.77 -6.16 14.68
CA VAL B 171 4.62 -5.46 13.73
C VAL B 171 5.04 -6.33 12.57
N VAL B 172 5.13 -5.71 11.39
CA VAL B 172 5.45 -6.39 10.13
C VAL B 172 6.62 -5.64 9.54
N GLU B 173 7.80 -6.25 9.48
CA GLU B 173 9.03 -5.58 9.10
C GLU B 173 9.14 -5.64 7.59
N LEU B 174 9.15 -4.48 6.97
CA LEU B 174 9.37 -4.34 5.52
C LEU B 174 10.60 -3.47 5.31
N TYR B 175 11.06 -3.43 4.07
CA TYR B 175 12.26 -2.69 3.73
C TYR B 175 11.97 -1.80 2.56
N ASN B 176 12.68 -0.66 2.49
CA ASN B 176 12.55 0.27 1.38
C ASN B 176 13.63 -0.04 0.34
N SER B 177 13.65 0.77 -0.72
CA SER B 177 14.52 0.48 -1.86
C SER B 177 15.98 0.91 -1.68
N ASN B 178 16.28 1.49 -0.52
CA ASN B 178 17.68 1.66 -0.04
C ASN B 178 17.96 0.74 1.13
N ASN B 179 17.27 -0.40 1.15
CA ASN B 179 17.41 -1.46 2.15
C ASN B 179 17.25 -1.00 3.61
N GLU B 180 16.41 -0.01 3.85
CA GLU B 180 16.24 0.51 5.18
C GLU B 180 14.96 -0.04 5.75
N LEU B 181 14.96 -0.32 7.04
CA LEU B 181 13.85 -0.97 7.75
C LEU B 181 12.69 -0.07 8.04
N ILE B 182 11.46 -0.40 7.62
CA ILE B 182 10.25 0.21 8.10
C ILE B 182 9.44 -0.84 8.88
N GLU B 183 9.37 -0.65 10.18
CA GLU B 183 8.53 -1.52 11.03
C GLU B 183 7.05 -1.12 10.93
N VAL B 184 6.29 -1.70 10.02
CA VAL B 184 4.92 -1.32 9.84
C VAL B 184 4.06 -2.03 10.86
N ASP B 185 3.09 -1.36 11.42
CA ASP B 185 2.29 -1.87 12.55
C ASP B 185 0.82 -1.36 12.58
N SER B 186 0.39 -0.85 11.45
CA SER B 186 -0.94 -0.27 11.27
C SER B 186 -1.22 -0.14 9.80
N ILE B 187 -2.48 -0.02 9.45
CA ILE B 187 -2.95 0.10 8.09
C ILE B 187 -2.59 1.47 7.47
N TYR B 188 -2.29 2.46 8.32
CA TYR B 188 -2.19 3.84 7.90
C TYR B 188 -0.83 4.18 7.29
N TYR B 189 -0.33 3.33 6.42
CA TYR B 189 0.88 3.58 5.67
C TYR B 189 0.58 3.27 4.19
N PRO B 190 1.08 4.14 3.31
CA PRO B 190 0.96 3.83 1.88
C PRO B 190 1.68 2.56 1.46
N ILE B 191 2.75 2.24 2.17
CA ILE B 191 3.48 0.97 2.03
C ILE B 191 2.58 -0.24 2.03
N ILE B 192 1.47 -0.14 2.77
CA ILE B 192 0.48 -1.20 2.83
C ILE B 192 -0.69 -0.86 1.93
N LEU B 193 -1.37 0.22 2.18
CA LEU B 193 -2.63 0.53 1.57
C LEU B 193 -2.56 0.80 0.07
N ALA B 194 -1.51 1.47 -0.39
CA ALA B 194 -1.34 1.69 -1.84
C ALA B 194 -0.99 0.31 -2.42
N ASN B 195 -0.01 -0.32 -1.78
CA ASN B 195 0.75 -1.44 -2.32
C ASN B 195 -0.08 -2.69 -2.58
N VAL B 196 -0.75 -3.18 -1.54
CA VAL B 196 -1.42 -4.47 -1.58
C VAL B 196 -2.63 -4.32 -2.51
N ALA B 197 -2.63 -5.18 -3.51
CA ALA B 197 -3.67 -5.19 -4.55
C ALA B 197 -4.62 -6.37 -4.34
N LEU B 198 -4.15 -7.46 -3.76
CA LEU B 198 -4.99 -8.60 -3.43
C LEU B 198 -4.57 -9.14 -2.09
N GLN B 199 -5.51 -9.53 -1.25
CA GLN B 199 -5.17 -10.06 0.07
C GLN B 199 -5.75 -11.46 0.31
N LEU B 200 -4.89 -12.27 0.91
CA LEU B 200 -5.23 -13.63 1.30
C LEU B 200 -6.29 -13.65 2.40
N TYR B 201 -7.36 -14.41 2.23
CA TYR B 201 -8.38 -14.52 3.25
C TYR B 201 -7.78 -15.16 4.47
N HIS B 202 -8.13 -14.66 5.66
CA HIS B 202 -7.81 -15.32 6.94
C HIS B 202 -9.09 -15.43 7.68
N CYS B 203 -9.67 -14.29 8.09
CA CYS B 203 -10.92 -14.25 8.85
C CYS B 203 -12.08 -13.56 8.14
N GLN B 204 -13.30 -13.93 8.48
CA GLN B 204 -14.51 -13.26 8.04
C GLN B 204 -14.72 -12.02 8.91
N VAL B 205 -14.28 -10.87 8.40
CA VAL B 205 -14.40 -9.57 9.09
C VAL B 205 -14.95 -8.49 8.15
N SER B 206 -15.60 -7.47 8.70
CA SER B 206 -16.14 -6.35 7.89
C SER B 206 -15.59 -4.99 8.36
N THR B 207 -15.42 -4.09 7.38
CA THR B 207 -14.64 -2.84 7.50
C THR B 207 -15.42 -1.71 8.18
N ASN C 1 -1.33 -14.88 14.27
CA ASN C 1 -2.58 -15.59 13.76
C ASN C 1 -3.79 -15.58 14.69
N GLU C 2 -4.19 -14.38 15.19
CA GLU C 2 -5.55 -14.14 15.64
C GLU C 2 -6.03 -12.80 15.12
N CYS C 3 -7.34 -12.71 14.87
CA CYS C 3 -7.91 -11.58 14.22
C CYS C 3 -8.44 -10.56 15.19
N LEU C 4 -8.77 -10.97 16.41
CA LEU C 4 -9.05 -10.03 17.47
C LEU C 4 -7.77 -9.40 18.01
N VAL C 5 -7.77 -8.09 18.11
CA VAL C 5 -6.67 -7.35 18.71
C VAL C 5 -7.22 -6.55 19.88
N GLU C 6 -6.82 -6.88 21.10
CA GLU C 6 -7.54 -6.37 22.27
C GLU C 6 -7.05 -4.97 22.69
N THR C 7 -5.77 -4.89 22.84
CA THR C 7 -5.08 -3.70 23.41
C THR C 7 -3.92 -3.43 22.47
N ARG C 8 -3.51 -2.18 22.34
CA ARG C 8 -2.35 -1.89 21.52
C ARG C 8 -1.69 -0.60 21.92
N THR C 9 -0.36 -0.56 21.86
CA THR C 9 0.31 0.70 22.11
C THR C 9 1.13 1.15 20.95
N THR C 10 0.79 2.28 20.36
CA THR C 10 1.53 2.88 19.24
C THR C 10 1.80 4.36 19.60
N ARG C 11 2.26 5.18 18.65
CA ARG C 11 2.24 6.63 18.84
C ARG C 11 1.68 7.34 17.63
N ILE C 12 1.19 8.55 17.87
CA ILE C 12 0.39 9.33 16.96
C ILE C 12 1.22 10.52 16.49
N SER C 13 1.36 10.63 15.20
CA SER C 13 2.19 11.75 14.64
C SER C 13 1.27 12.52 13.68
N GLY C 14 1.67 13.75 13.38
CA GLY C 14 0.93 14.65 12.54
C GLY C 14 1.69 15.67 11.70
N ARG C 15 1.15 16.85 11.64
CA ARG C 15 1.72 17.95 10.85
C ARG C 15 3.15 18.23 11.12
N ASP C 16 3.89 18.37 10.03
CA ASP C 16 5.36 18.55 10.07
C ASP C 16 6.12 17.47 10.86
N ALA C 17 5.57 16.27 10.90
CA ALA C 17 6.17 15.11 11.62
C ALA C 17 6.32 15.29 13.12
N LEU C 18 5.34 15.97 13.71
CA LEU C 18 5.38 16.15 15.18
C LEU C 18 4.43 15.15 15.82
N CYS C 19 4.76 14.71 17.03
CA CYS C 19 3.98 13.75 17.77
C CYS C 19 2.94 14.35 18.71
N VAL C 20 1.81 13.66 18.83
CA VAL C 20 0.84 13.94 19.91
C VAL C 20 1.48 13.63 21.23
N ASP C 21 1.59 14.62 22.13
CA ASP C 21 2.38 14.54 23.32
C ASP C 21 1.59 15.17 24.49
N VAL C 22 1.37 14.41 25.55
CA VAL C 22 0.80 14.94 26.77
C VAL C 22 1.79 15.94 27.39
N ALA C 23 1.29 17.10 27.65
CA ALA C 23 2.07 18.26 28.17
C ALA C 23 2.95 17.90 29.36
N GLY C 24 4.26 18.07 29.20
CA GLY C 24 5.22 17.89 30.31
C GLY C 24 5.15 16.59 31.13
N ALA C 25 4.66 15.50 30.58
CA ALA C 25 4.45 14.26 31.28
C ALA C 25 3.52 14.34 32.50
N LEU C 26 2.71 15.40 32.59
CA LEU C 26 1.94 15.64 33.82
C LEU C 26 0.75 14.71 33.82
N THR C 27 0.43 14.07 34.96
CA THR C 27 -0.53 12.99 34.99
C THR C 27 -1.95 13.39 35.43
N SER C 28 -2.11 14.53 36.12
CA SER C 28 -3.36 14.91 36.70
C SER C 28 -4.51 15.02 35.70
N ASP C 29 -5.70 14.63 36.16
CA ASP C 29 -6.93 14.63 35.38
C ASP C 29 -7.11 16.04 34.86
N GLY C 30 -7.08 16.21 33.54
CA GLY C 30 -7.09 17.57 32.96
C GLY C 30 -5.76 18.11 32.47
N SER C 31 -4.77 17.25 32.19
CA SER C 31 -3.51 17.69 31.62
C SER C 31 -3.55 17.78 30.06
N ARG C 32 -3.04 18.90 29.57
CA ARG C 32 -3.02 19.32 28.15
C ARG C 32 -2.22 18.50 27.11
N LEU C 33 -2.77 18.54 25.89
CA LEU C 33 -2.25 17.89 24.70
C LEU C 33 -1.55 18.94 23.85
N ILE C 34 -0.40 18.54 23.31
CA ILE C 34 0.49 19.40 22.52
C ILE C 34 1.11 18.63 21.39
N LEU C 35 1.62 19.28 20.35
CA LEU C 35 2.56 18.63 19.45
C LEU C 35 3.93 18.74 20.03
N TYR C 36 4.74 17.67 20.06
CA TYR C 36 6.14 17.72 20.41
C TYR C 36 7.00 16.83 19.50
N PRO C 37 8.24 17.24 19.21
CA PRO C 37 9.08 16.34 18.40
C PRO C 37 9.15 14.94 19.01
N CYS C 38 9.10 13.95 18.12
CA CYS C 38 8.91 12.53 18.45
C CYS C 38 10.01 12.00 19.39
N GLY C 39 9.67 11.04 20.20
CA GLY C 39 10.67 10.41 21.03
C GLY C 39 10.08 9.30 21.85
N GLN C 40 10.95 8.68 22.64
CA GLN C 40 10.65 7.38 23.31
C GLN C 40 10.01 7.52 24.72
N GLN C 41 9.13 8.50 24.87
CA GLN C 41 8.62 8.89 26.19
C GLN C 41 7.21 8.37 26.37
N VAL C 42 6.87 8.04 27.60
CA VAL C 42 5.61 7.34 27.93
C VAL C 42 4.38 8.25 27.73
N ASN C 43 4.60 9.55 27.87
CA ASN C 43 3.55 10.56 27.55
C ASN C 43 3.23 10.62 26.03
N GLN C 44 4.21 10.40 25.18
CA GLN C 44 3.95 10.35 23.73
C GLN C 44 3.34 9.01 23.27
N LYS C 45 3.53 7.95 24.05
CA LYS C 45 2.96 6.66 23.73
C LYS C 45 1.49 6.54 24.03
N TRP C 46 0.72 6.03 23.11
CA TRP C 46 -0.72 5.92 23.18
C TRP C 46 -1.24 4.51 23.01
N THR C 47 -2.18 4.11 23.86
CA THR C 47 -2.70 2.77 23.88
C THR C 47 -4.17 2.71 23.51
N PHE C 48 -4.50 2.03 22.42
CA PHE C 48 -5.88 1.92 21.95
C PHE C 48 -6.50 0.65 22.54
N HIS C 49 -7.79 0.70 22.77
CA HIS C 49 -8.58 -0.34 23.44
C HIS C 49 -9.87 -0.67 22.71
N SER C 50 -10.37 -1.85 23.01
CA SER C 50 -11.53 -2.46 22.31
C SER C 50 -12.82 -1.63 22.54
N ASP C 51 -12.94 -1.04 23.72
CA ASP C 51 -14.06 -0.15 24.02
C ASP C 51 -14.17 1.13 23.19
N GLY C 52 -12.99 1.60 22.70
CA GLY C 52 -12.88 2.78 21.94
C GLY C 52 -12.03 3.89 22.48
N THR C 53 -11.44 3.73 23.68
CA THR C 53 -10.61 4.73 24.29
C THR C 53 -9.18 4.63 23.81
N VAL C 54 -8.50 5.75 23.92
CA VAL C 54 -7.07 5.88 23.62
C VAL C 54 -6.40 6.41 24.85
N ARG C 55 -5.46 5.74 25.49
CA ARG C 55 -4.90 6.17 26.75
C ARG C 55 -3.38 6.46 26.72
N SER C 56 -3.03 7.30 27.62
CA SER C 56 -1.62 7.49 28.01
C SER C 56 -1.61 7.58 29.53
N LEU C 57 -0.54 7.08 30.15
CA LEU C 57 -0.31 7.27 31.59
C LEU C 57 -1.48 6.78 32.47
N GLY C 58 -2.23 5.80 31.96
CA GLY C 58 -3.33 5.17 32.68
C GLY C 58 -4.67 5.83 32.48
N LYS C 59 -4.70 6.94 31.76
CA LYS C 59 -5.90 7.79 31.62
C LYS C 59 -6.16 8.08 30.15
N CYS C 60 -7.46 8.21 29.80
CA CYS C 60 -7.89 8.30 28.43
C CYS C 60 -7.93 9.73 27.91
N LEU C 61 -7.62 9.88 26.65
CA LEU C 61 -7.78 11.11 25.84
C LEU C 61 -9.22 11.55 25.84
N ALA C 62 -9.42 12.87 26.09
CA ALA C 62 -10.79 13.41 26.32
C ALA C 62 -10.97 14.81 25.70
N THR C 63 -12.22 15.10 25.35
CA THR C 63 -12.62 16.31 24.71
C THR C 63 -14.03 16.75 25.20
N ASN C 64 -14.11 17.93 25.73
CA ASN C 64 -15.40 18.47 26.19
C ASN C 64 -15.27 19.94 26.44
N ASN C 65 -16.10 20.74 25.77
CA ASN C 65 -16.15 22.19 26.01
C ASN C 65 -16.61 22.57 27.45
N SER C 66 -17.66 21.92 27.96
CA SER C 66 -18.22 22.20 29.32
C SER C 66 -17.23 22.05 30.48
N LYS C 67 -16.27 21.14 30.35
CA LYS C 67 -15.24 20.92 31.35
C LYS C 67 -13.93 21.63 31.05
N PHE C 68 -13.35 21.39 29.87
CA PHE C 68 -11.98 21.82 29.59
C PHE C 68 -11.85 22.98 28.52
N GLY C 69 -13.01 23.39 27.99
CA GLY C 69 -13.07 24.28 26.86
C GLY C 69 -12.73 23.60 25.57
N ASN C 70 -12.20 24.39 24.65
CA ASN C 70 -11.89 23.90 23.26
C ASN C 70 -10.84 22.74 23.30
N LEU C 71 -9.93 22.81 24.31
CA LEU C 71 -8.77 21.98 24.39
C LEU C 71 -9.03 20.48 24.55
N VAL C 72 -7.99 19.73 24.20
CA VAL C 72 -7.92 18.27 24.28
C VAL C 72 -6.92 17.85 25.36
N VAL C 73 -7.28 16.80 26.07
CA VAL C 73 -6.72 16.51 27.40
C VAL C 73 -6.95 15.09 27.88
N ILE C 74 -5.96 14.54 28.60
CA ILE C 74 -6.12 13.25 29.26
C ILE C 74 -6.86 13.42 30.60
N TYR C 75 -7.70 12.44 30.90
CA TYR C 75 -8.52 12.43 32.12
C TYR C 75 -8.83 11.01 32.51
N ASP C 76 -9.09 10.75 33.82
CA ASP C 76 -9.39 9.44 34.32
C ASP C 76 -10.69 8.93 33.72
N CYS C 77 -10.69 7.67 33.35
CA CYS C 77 -11.80 7.05 32.62
C CYS C 77 -13.03 6.75 33.48
N SER C 78 -12.80 6.30 34.71
CA SER C 78 -13.91 5.91 35.62
C SER C 78 -14.74 7.10 36.17
N LYS C 79 -14.07 8.22 36.45
CA LYS C 79 -14.73 9.42 36.98
C LYS C 79 -15.52 10.16 35.89
N LEU C 80 -14.87 10.39 34.75
CA LEU C 80 -15.48 11.07 33.56
C LEU C 80 -16.69 10.31 33.01
N ALA C 81 -17.55 11.01 32.26
CA ALA C 81 -18.66 10.44 31.53
C ALA C 81 -18.17 9.46 30.48
N ALA C 82 -19.11 8.86 29.76
CA ALA C 82 -18.81 7.76 28.81
C ALA C 82 -18.47 8.25 27.38
N GLU C 83 -19.03 9.40 27.01
CA GLU C 83 -19.03 9.83 25.62
C GLU C 83 -17.83 10.68 25.21
N ASP C 84 -17.14 11.30 26.16
CA ASP C 84 -16.06 12.23 25.84
C ASP C 84 -14.65 11.67 25.61
N ILE C 85 -14.57 10.36 25.49
CA ILE C 85 -13.33 9.59 25.37
C ILE C 85 -13.43 8.46 24.34
N SER C 86 -14.58 8.29 23.69
CA SER C 86 -14.69 7.44 22.50
C SER C 86 -13.91 8.12 21.37
N TRP C 87 -13.16 7.35 20.57
CA TRP C 87 -12.46 7.88 19.43
C TRP C 87 -12.60 6.98 18.18
N ASP C 88 -12.28 7.58 17.05
CA ASP C 88 -12.38 6.84 15.78
C ASP C 88 -11.34 7.33 14.78
N VAL C 89 -10.50 6.42 14.28
CA VAL C 89 -9.55 6.70 13.21
C VAL C 89 -10.12 6.20 11.87
N SER C 90 -10.00 7.05 10.88
CA SER C 90 -10.57 6.94 9.53
C SER C 90 -9.39 6.84 8.57
N VAL C 91 -9.66 6.21 7.41
CA VAL C 91 -8.58 5.69 6.54
C VAL C 91 -7.74 6.82 5.98
N GLY C 92 -8.40 7.95 5.74
CA GLY C 92 -7.73 9.18 5.25
C GLY C 92 -7.36 10.18 6.35
N GLY C 93 -6.89 9.68 7.50
CA GLY C 93 -6.18 10.49 8.51
C GLY C 93 -6.99 11.19 9.59
N THR C 94 -8.32 11.07 9.52
CA THR C 94 -9.19 11.84 10.42
C THR C 94 -9.34 11.08 11.74
N ILE C 95 -8.89 11.75 12.85
CA ILE C 95 -9.16 11.33 14.21
C ILE C 95 -10.30 12.19 14.74
N MET C 96 -11.33 11.54 15.22
CA MET C 96 -12.52 12.27 15.68
C MET C 96 -13.30 11.46 16.71
N ASN C 97 -14.06 12.19 17.56
CA ASN C 97 -14.98 11.59 18.52
C ASN C 97 -16.29 11.47 17.79
N PRO C 98 -16.85 10.24 17.63
CA PRO C 98 -18.17 10.08 16.96
C PRO C 98 -19.31 10.89 17.61
N ASN C 99 -19.24 11.07 18.92
CA ASN C 99 -20.25 11.83 19.69
C ASN C 99 -20.25 13.32 19.37
N TYR C 100 -19.12 13.89 18.92
CA TYR C 100 -19.09 15.24 18.38
C TYR C 100 -18.97 15.26 16.88
N GLU C 101 -20.03 14.85 16.21
CA GLU C 101 -20.04 14.52 14.80
C GLU C 101 -19.50 15.50 13.77
N ASP C 102 -19.49 16.81 14.06
CA ASP C 102 -18.98 17.81 13.18
C ASP C 102 -17.50 18.09 13.33
N LEU C 103 -16.82 17.44 14.26
CA LEU C 103 -15.53 17.90 14.74
C LEU C 103 -14.38 16.87 14.48
N ALA C 104 -13.17 17.30 14.71
CA ALA C 104 -11.96 16.65 14.31
C ALA C 104 -10.74 17.20 15.04
N LEU C 105 -9.84 16.28 15.49
CA LEU C 105 -8.61 16.66 16.10
C LEU C 105 -7.73 17.52 15.17
N THR C 106 -7.10 18.49 15.76
CA THR C 106 -6.44 19.58 14.98
C THR C 106 -5.26 20.15 15.72
N SER C 107 -4.17 20.44 14.97
CA SER C 107 -3.12 21.35 15.43
C SER C 107 -3.12 22.66 14.63
N ASN C 108 -3.42 23.75 15.33
CA ASN C 108 -3.79 25.04 14.70
C ASN C 108 -2.61 25.74 13.99
N LYS C 109 -1.44 25.62 14.60
CA LYS C 109 -0.17 25.98 13.98
C LYS C 109 0.77 24.76 14.01
N ALA C 110 1.70 24.71 13.08
CA ALA C 110 2.77 23.74 13.09
C ALA C 110 3.99 24.35 13.72
N THR C 111 4.20 24.09 14.98
CA THR C 111 5.46 24.38 15.70
C THR C 111 5.31 23.86 17.16
N ARG C 112 6.48 23.52 17.74
CA ARG C 112 6.51 22.72 18.96
C ARG C 112 5.70 23.37 20.11
N SER C 113 5.07 22.51 20.86
CA SER C 113 4.25 22.82 22.06
C SER C 113 2.92 23.47 21.75
N THR C 114 2.45 23.45 20.50
CA THR C 114 1.07 23.86 20.16
C THR C 114 0.04 23.05 20.94
N ASN C 115 -0.97 23.70 21.49
CA ASN C 115 -2.03 22.94 22.19
C ASN C 115 -2.92 22.39 21.08
N LEU C 116 -3.29 21.12 21.18
CA LEU C 116 -4.16 20.50 20.19
C LEU C 116 -5.61 20.82 20.59
N THR C 117 -6.46 20.75 19.62
CA THR C 117 -7.84 21.18 19.76
C THR C 117 -8.76 20.37 18.88
N MET C 118 -10.04 20.35 19.23
CA MET C 118 -11.05 19.78 18.35
C MET C 118 -11.71 20.89 17.57
N GLU C 119 -11.64 20.90 16.22
CA GLU C 119 -12.18 21.91 15.37
C GLU C 119 -13.11 21.31 14.29
N VAL C 120 -13.88 22.17 13.67
CA VAL C 120 -14.89 21.73 12.74
C VAL C 120 -14.19 21.06 11.58
N ASN C 121 -14.76 19.93 11.07
CA ASN C 121 -14.05 19.15 10.06
C ASN C 121 -14.16 19.78 8.67
N THR C 122 -13.00 20.30 8.22
CA THR C 122 -12.75 20.79 6.87
C THR C 122 -11.82 19.87 6.07
N TYR C 123 -11.41 18.74 6.65
CA TYR C 123 -10.48 17.80 6.08
C TYR C 123 -9.16 18.48 5.66
N SER C 124 -8.58 19.20 6.62
CA SER C 124 -7.39 19.96 6.39
C SER C 124 -6.11 19.28 6.79
N ALA C 125 -5.02 19.70 6.18
CA ALA C 125 -3.68 19.15 6.35
C ALA C 125 -3.28 19.05 7.84
N SER C 126 -3.74 20.03 8.59
CA SER C 126 -3.65 20.08 10.04
C SER C 126 -4.56 19.04 10.77
N GLN C 127 -5.77 18.82 10.26
CA GLN C 127 -6.70 17.89 10.90
C GLN C 127 -6.36 16.44 10.61
N GLY C 128 -5.23 16.23 9.87
CA GLY C 128 -4.81 14.90 9.41
C GLY C 128 -3.66 14.33 10.21
N TRP C 129 -3.75 13.04 10.52
CA TRP C 129 -2.76 12.37 11.33
C TRP C 129 -2.44 10.97 10.85
N ARG C 130 -1.27 10.50 11.24
CA ARG C 130 -0.86 9.13 10.93
C ARG C 130 -0.72 8.41 12.25
N VAL C 131 -1.43 7.31 12.42
CA VAL C 131 -1.35 6.55 13.65
C VAL C 131 -0.41 5.43 13.36
N GLY C 132 0.66 5.33 14.13
CA GLY C 132 1.65 4.26 13.84
C GLY C 132 2.99 4.67 14.40
N ASN C 133 3.74 3.69 14.91
CA ASN C 133 4.95 3.93 15.63
C ASN C 133 6.11 4.40 14.76
N TYR C 134 6.01 4.19 13.44
CA TYR C 134 6.94 4.74 12.51
C TYR C 134 6.47 6.16 12.12
N VAL C 135 7.20 7.18 12.61
CA VAL C 135 6.76 8.56 12.54
C VAL C 135 7.43 9.37 11.44
N GLN C 136 8.46 8.80 10.83
CA GLN C 136 9.22 9.49 9.81
C GLN C 136 8.50 9.51 8.48
N PRO C 137 8.70 10.55 7.66
CA PRO C 137 7.99 10.68 6.40
C PRO C 137 8.47 9.65 5.38
N ILE C 138 7.56 9.04 4.61
CA ILE C 138 7.87 7.94 3.74
C ILE C 138 8.43 8.53 2.48
N ILE C 139 9.76 8.38 2.28
CA ILE C 139 10.43 8.96 1.11
C ILE C 139 10.40 7.98 -0.05
N GLY C 140 10.09 8.48 -1.23
CA GLY C 140 10.19 7.75 -2.47
C GLY C 140 9.62 8.53 -3.66
N SER C 141 9.73 7.95 -4.85
CA SER C 141 9.14 8.48 -6.04
C SER C 141 7.66 8.18 -6.10
N ILE C 142 7.01 8.97 -6.92
CA ILE C 142 5.61 8.77 -7.28
C ILE C 142 5.60 8.50 -8.75
N VAL C 143 5.08 7.34 -9.15
CA VAL C 143 5.02 6.98 -10.58
C VAL C 143 3.58 7.00 -11.06
N GLY C 144 3.33 7.66 -12.17
CA GLY C 144 1.99 7.83 -12.70
C GLY C 144 1.88 7.22 -14.05
N LEU C 145 1.00 7.77 -14.88
CA LEU C 145 0.76 7.19 -16.21
C LEU C 145 2.02 7.05 -17.07
N ASP C 146 2.11 5.92 -17.78
CA ASP C 146 3.18 5.56 -18.63
C ASP C 146 4.55 5.50 -17.98
N ASP C 147 4.56 5.13 -16.70
CA ASP C 147 5.81 4.96 -15.96
C ASP C 147 6.66 6.23 -15.89
N MET C 148 5.96 7.38 -15.86
CA MET C 148 6.60 8.65 -15.66
C MET C 148 6.53 9.00 -14.18
N CYS C 149 7.64 9.56 -13.67
CA CYS C 149 7.66 9.98 -12.25
C CYS C 149 7.21 11.44 -12.12
N LEU C 150 6.51 11.78 -11.06
CA LEU C 150 6.20 13.18 -10.73
C LEU C 150 7.48 13.93 -10.42
N GLU C 151 7.65 15.06 -11.10
CA GLU C 151 8.81 15.91 -10.93
C GLU C 151 8.49 17.32 -10.39
N ALA C 152 9.22 17.75 -9.35
CA ALA C 152 9.11 19.08 -8.84
C ALA C 152 9.95 19.99 -9.75
N THR C 153 9.29 20.85 -10.51
CA THR C 153 9.98 21.55 -11.62
C THR C 153 9.97 23.07 -11.49
N ASP C 154 10.77 23.72 -12.35
CA ASP C 154 10.78 25.20 -12.49
C ASP C 154 11.15 25.88 -11.17
N GLY C 155 12.36 25.58 -10.69
CA GLY C 155 12.86 26.05 -9.42
C GLY C 155 12.04 25.60 -8.24
N ASN C 156 11.35 24.45 -8.37
CA ASN C 156 10.29 24.02 -7.46
C ASN C 156 9.19 25.05 -7.31
N THR C 157 8.47 25.29 -8.39
CA THR C 157 7.22 26.09 -8.43
C THR C 157 6.08 25.29 -9.07
N ASN C 158 6.37 24.48 -10.09
CA ASN C 158 5.30 23.78 -10.80
C ASN C 158 5.61 22.31 -10.98
N MET C 159 4.59 21.44 -10.83
CA MET C 159 4.86 19.98 -10.82
C MET C 159 4.24 19.22 -11.98
N TRP C 160 4.97 18.40 -12.72
CA TRP C 160 4.42 17.52 -13.70
C TRP C 160 5.23 16.24 -13.95
N LEU C 161 4.62 15.29 -14.62
CA LEU C 161 5.26 14.01 -14.92
C LEU C 161 6.41 14.14 -15.92
N GLU C 162 7.56 13.60 -15.55
CA GLU C 162 8.69 13.50 -16.43
C GLU C 162 9.23 12.07 -16.39
N GLU C 163 10.11 11.75 -17.33
CA GLU C 163 10.64 10.43 -17.49
C GLU C 163 11.69 10.15 -16.45
N CYS C 164 11.59 8.95 -15.88
CA CYS C 164 12.30 8.52 -14.69
C CYS C 164 13.80 8.72 -14.84
N VAL C 165 14.41 9.08 -13.75
CA VAL C 165 15.87 9.15 -13.62
C VAL C 165 16.23 8.59 -12.25
N PRO C 166 17.29 7.76 -12.18
CA PRO C 166 17.68 7.22 -10.87
C PRO C 166 18.23 8.27 -9.92
N ASN C 167 17.57 8.40 -8.77
CA ASN C 167 17.97 9.30 -7.70
C ASN C 167 17.97 10.77 -8.03
N GLN C 168 17.09 11.20 -8.94
CA GLN C 168 17.01 12.61 -9.21
C GLN C 168 16.43 13.15 -7.91
N ARG C 169 17.04 14.17 -7.37
CA ARG C 169 16.59 14.72 -6.09
C ARG C 169 15.17 15.28 -6.16
N GLU C 170 14.86 15.90 -7.29
CA GLU C 170 13.57 16.58 -7.46
C GLU C 170 12.41 15.65 -7.78
N GLN C 171 12.77 14.44 -8.26
CA GLN C 171 11.77 13.41 -8.60
C GLN C 171 11.31 12.61 -7.37
N SER C 172 12.14 12.62 -6.33
CA SER C 172 11.71 12.00 -5.06
C SER C 172 10.86 12.99 -4.25
N TRP C 173 9.99 12.41 -3.45
CA TRP C 173 9.07 13.15 -2.58
C TRP C 173 9.10 12.53 -1.23
N ALA C 174 8.48 13.21 -0.28
CA ALA C 174 8.40 12.69 1.12
C ALA C 174 7.00 12.86 1.72
N LEU C 175 6.32 11.73 1.88
CA LEU C 175 4.91 11.79 2.29
C LEU C 175 4.87 11.86 3.79
N TYR C 176 4.32 12.95 4.34
CA TYR C 176 4.39 13.26 5.78
C TYR C 176 3.15 12.75 6.49
N SER C 177 3.31 12.60 7.80
CA SER C 177 2.25 12.07 8.67
C SER C 177 0.96 12.89 8.58
N ASP C 178 1.12 14.18 8.26
CA ASP C 178 -0.01 15.10 8.12
C ASP C 178 -0.84 14.96 6.85
N GLY C 179 -0.33 14.29 5.82
CA GLY C 179 -1.08 14.17 4.60
C GLY C 179 -0.38 14.80 3.40
N THR C 180 0.60 15.65 3.68
CA THR C 180 1.26 16.43 2.66
C THR C 180 2.34 15.66 1.93
N ILE C 181 2.51 15.96 0.66
CA ILE C 181 3.65 15.43 -0.10
C ILE C 181 4.74 16.50 -0.24
N ARG C 182 5.75 16.43 0.61
CA ARG C 182 6.79 17.42 0.60
C ARG C 182 7.89 17.14 -0.40
N VAL C 183 8.59 18.15 -0.84
CA VAL C 183 9.77 17.94 -1.70
C VAL C 183 10.94 17.36 -0.84
N ASP C 184 11.72 16.47 -1.45
CA ASP C 184 12.79 15.85 -0.69
C ASP C 184 13.93 16.80 -0.29
N ASP C 185 14.38 17.62 -1.22
CA ASP C 185 15.45 18.55 -0.92
C ASP C 185 15.02 19.64 0.05
N ASN C 186 13.82 20.15 -0.17
CA ASN C 186 13.25 21.20 0.66
C ASN C 186 11.95 20.71 1.24
N ARG C 187 11.78 20.93 2.53
CA ARG C 187 10.57 20.49 3.21
C ARG C 187 9.54 21.59 3.49
N GLU C 188 9.97 22.84 3.34
CA GLU C 188 9.05 24.00 3.50
C GLU C 188 8.13 24.09 2.26
N LEU C 189 8.63 23.60 1.10
CA LEU C 189 7.81 23.46 -0.09
C LEU C 189 6.97 22.22 0.03
N CYS C 190 5.77 22.24 -0.55
CA CYS C 190 4.86 21.10 -0.46
C CYS C 190 3.86 21.08 -1.59
N VAL C 191 3.22 19.94 -1.79
CA VAL C 191 2.21 19.80 -2.88
C VAL C 191 0.86 20.43 -2.53
N THR C 192 0.19 21.06 -3.50
CA THR C 192 -1.00 21.83 -3.24
C THR C 192 -1.96 21.86 -4.41
N ALA C 193 -3.22 21.90 -4.13
CA ALA C 193 -4.27 22.08 -5.15
C ALA C 193 -4.55 23.56 -5.35
N SER C 194 -3.99 24.16 -6.41
CA SER C 194 -4.03 25.68 -6.57
C SER C 194 -5.38 26.16 -7.07
N SER C 195 -5.67 27.45 -6.84
CA SER C 195 -6.91 28.09 -7.28
C SER C 195 -7.03 28.27 -8.78
N SER C 196 -5.89 28.40 -9.49
CA SER C 196 -5.92 28.42 -10.95
C SER C 196 -6.34 27.05 -11.54
N THR C 197 -7.24 27.08 -12.52
CA THR C 197 -7.92 25.89 -13.03
C THR C 197 -7.70 25.58 -14.49
N TYR C 198 -8.17 24.39 -14.90
CA TYR C 198 -8.17 23.94 -16.30
C TYR C 198 -9.49 23.16 -16.45
N ASP C 199 -10.23 23.49 -17.51
CA ASP C 199 -11.54 22.90 -17.83
C ASP C 199 -12.47 22.70 -16.62
N ASN C 200 -12.49 23.69 -15.72
CA ASN C 200 -13.33 23.69 -14.50
C ASN C 200 -12.92 22.65 -13.43
N TRP C 201 -11.59 22.51 -13.32
CA TRP C 201 -10.95 21.61 -12.34
C TRP C 201 -9.67 22.25 -11.88
N LYS C 202 -9.27 22.06 -10.62
CA LYS C 202 -8.12 22.81 -10.05
C LYS C 202 -6.77 22.22 -10.42
N VAL C 203 -5.82 23.07 -10.82
CA VAL C 203 -4.49 22.62 -11.17
C VAL C 203 -3.69 22.39 -9.93
N ILE C 204 -2.97 21.23 -9.87
CA ILE C 204 -2.14 20.92 -8.71
C ILE C 204 -0.72 21.43 -8.95
N THR C 205 -0.18 22.09 -7.96
CA THR C 205 1.19 22.59 -8.06
C THR C 205 1.77 22.76 -6.66
N ILE C 206 3.06 23.00 -6.61
CA ILE C 206 3.75 23.19 -5.32
C ILE C 206 3.57 24.62 -4.73
N LEU C 207 3.42 24.69 -3.42
CA LEU C 207 3.44 25.95 -2.66
C LEU C 207 4.06 25.72 -1.27
N ASN C 208 4.36 26.83 -0.59
CA ASN C 208 4.82 26.75 0.80
C ASN C 208 3.71 26.15 1.67
N CYS C 209 4.12 25.29 2.60
CA CYS C 209 3.13 24.58 3.36
C CYS C 209 2.53 25.38 4.49
N ASP C 210 1.23 25.58 4.38
CA ASP C 210 0.43 26.24 5.44
C ASP C 210 -0.41 25.30 6.31
N GLY C 211 -0.74 24.12 5.79
CA GLY C 211 -1.62 23.18 6.51
C GLY C 211 -3.12 23.22 6.22
N SER C 212 -3.47 23.76 5.06
CA SER C 212 -4.86 23.89 4.60
C SER C 212 -5.37 22.68 3.85
N ASN C 213 -6.70 22.60 3.61
CA ASN C 213 -7.31 21.46 2.92
C ASN C 213 -7.09 21.40 1.41
N ASN C 214 -6.24 22.27 0.89
CA ASN C 214 -5.67 22.12 -0.43
C ASN C 214 -4.45 21.22 -0.42
N GLN C 215 -3.96 20.78 0.76
CA GLN C 215 -2.65 20.20 0.88
C GLN C 215 -2.64 18.77 1.44
N ARG C 216 -3.80 18.27 1.89
CA ARG C 216 -3.94 16.96 2.47
C ARG C 216 -4.33 15.92 1.43
N TRP C 217 -3.53 14.87 1.36
CA TRP C 217 -3.71 13.84 0.33
C TRP C 217 -3.61 12.43 0.95
N VAL C 218 -4.30 11.50 0.34
CA VAL C 218 -4.32 10.12 0.83
C VAL C 218 -4.17 9.12 -0.32
N PHE C 219 -3.32 8.13 -0.13
CA PHE C 219 -3.11 7.07 -1.15
C PHE C 219 -4.13 5.94 -0.93
N LEU C 220 -5.08 5.84 -1.85
CA LEU C 220 -6.22 4.96 -1.65
C LEU C 220 -5.88 3.58 -2.18
N ALA C 221 -6.61 2.59 -1.65
CA ALA C 221 -6.49 1.21 -2.16
C ALA C 221 -6.69 0.97 -3.65
N ASP C 222 -7.46 1.84 -4.32
CA ASP C 222 -7.67 1.76 -5.76
C ASP C 222 -6.48 2.31 -6.55
N GLY C 223 -5.49 2.84 -5.85
CA GLY C 223 -4.30 3.35 -6.52
C GLY C 223 -4.39 4.83 -6.96
N SER C 224 -5.39 5.55 -6.45
CA SER C 224 -5.50 6.99 -6.60
C SER C 224 -4.75 7.77 -5.55
N ILE C 225 -4.32 9.01 -5.92
CA ILE C 225 -3.81 9.97 -4.96
C ILE C 225 -4.97 10.96 -4.74
N SER C 226 -5.59 10.90 -3.61
CA SER C 226 -6.96 11.47 -3.49
C SER C 226 -7.08 12.44 -2.30
N THR C 227 -8.16 13.21 -2.29
CA THR C 227 -8.51 14.05 -1.17
C THR C 227 -9.34 13.21 -0.22
N PRO C 228 -9.27 13.53 1.08
CA PRO C 228 -10.04 12.87 2.15
C PRO C 228 -11.48 13.34 2.17
N GLY C 229 -12.35 12.64 2.88
CA GLY C 229 -13.75 13.03 2.98
C GLY C 229 -14.70 12.21 2.13
N ASN C 230 -16.00 12.30 2.44
CA ASN C 230 -17.02 11.56 1.69
C ASN C 230 -17.02 11.98 0.24
N GLN C 231 -16.91 13.27 -0.01
CA GLN C 231 -16.80 13.77 -1.37
C GLN C 231 -15.37 13.45 -1.72
N ARG C 232 -15.10 12.89 -2.89
CA ARG C 232 -13.68 12.55 -3.17
C ARG C 232 -13.28 13.17 -4.50
N LEU C 233 -12.10 13.71 -4.60
CA LEU C 233 -11.51 14.03 -5.94
C LEU C 233 -10.06 13.57 -5.93
N ALA C 234 -9.55 13.16 -7.10
CA ALA C 234 -8.18 12.64 -7.18
C ALA C 234 -7.28 13.36 -8.15
N MET C 235 -5.96 13.16 -7.94
CA MET C 235 -4.91 13.75 -8.76
C MET C 235 -5.03 13.21 -10.16
N ASP C 236 -4.65 13.96 -11.17
CA ASP C 236 -5.00 13.47 -12.49
C ASP C 236 -4.17 14.19 -13.54
N VAL C 237 -3.47 13.46 -14.39
CA VAL C 237 -2.80 14.10 -15.50
C VAL C 237 -4.01 14.48 -16.36
N ALA C 238 -4.05 15.67 -16.92
CA ALA C 238 -5.21 16.06 -17.70
C ALA C 238 -5.16 15.43 -19.08
N ARG C 239 -6.13 14.56 -19.37
CA ARG C 239 -6.27 13.86 -20.65
C ARG C 239 -5.04 13.03 -21.06
N SER C 240 -4.35 12.51 -20.05
CA SER C 240 -3.28 11.58 -20.28
C SER C 240 -2.23 12.14 -21.21
N ASP C 241 -2.07 13.46 -21.21
CA ASP C 241 -1.06 14.00 -22.08
C ASP C 241 -0.03 14.67 -21.22
N VAL C 242 1.12 14.01 -21.14
CA VAL C 242 2.28 14.46 -20.38
C VAL C 242 2.84 15.75 -20.95
N ASP C 243 2.61 15.96 -22.24
CA ASP C 243 3.06 17.15 -22.96
C ASP C 243 2.44 18.45 -22.43
N LEU C 244 1.18 18.37 -22.01
CA LEU C 244 0.50 19.53 -21.45
C LEU C 244 1.28 19.88 -20.19
N LYS C 245 1.80 18.86 -19.50
CA LYS C 245 2.57 19.16 -18.26
C LYS C 245 1.72 19.70 -17.04
N LYS C 246 0.49 19.23 -16.90
CA LYS C 246 -0.40 19.68 -15.84
C LYS C 246 -1.24 18.56 -15.28
N ILE C 247 -1.33 18.52 -13.97
CA ILE C 247 -2.17 17.59 -13.20
C ILE C 247 -3.33 18.37 -12.61
N ILE C 248 -4.51 17.83 -12.81
CA ILE C 248 -5.79 18.45 -12.45
C ILE C 248 -6.54 17.61 -11.41
N LEU C 249 -7.11 18.20 -10.37
CA LEU C 249 -7.83 17.39 -9.40
C LEU C 249 -9.24 17.26 -9.98
N HIS C 250 -9.68 15.99 -10.09
CA HIS C 250 -10.89 15.69 -10.83
C HIS C 250 -11.76 14.68 -10.12
N ARG C 251 -13.06 14.65 -10.45
CA ARG C 251 -13.96 13.56 -10.20
C ARG C 251 -13.28 12.21 -10.44
N PRO C 252 -13.39 11.25 -9.47
CA PRO C 252 -12.60 10.03 -9.60
C PRO C 252 -13.31 9.01 -10.50
N HIS C 253 -13.11 9.15 -11.81
CA HIS C 253 -13.48 8.13 -12.79
C HIS C 253 -12.64 6.84 -12.73
N GLY C 254 -11.43 6.95 -12.17
CA GLY C 254 -10.55 5.82 -11.94
C GLY C 254 -10.05 5.05 -13.18
N ASP C 255 -9.46 5.83 -14.06
CA ASP C 255 -8.79 5.34 -15.28
C ASP C 255 -7.30 5.50 -15.07
N LEU C 256 -6.49 5.16 -16.07
CA LEU C 256 -5.03 5.10 -15.90
C LEU C 256 -4.33 6.40 -15.56
N ASN C 257 -4.92 7.49 -16.02
CA ASN C 257 -4.46 8.85 -15.70
C ASN C 257 -4.60 9.19 -14.21
N GLN C 258 -5.54 8.50 -13.54
CA GLN C 258 -5.69 8.62 -12.07
C GLN C 258 -5.05 7.47 -11.27
N GLN C 259 -4.19 6.68 -11.93
CA GLN C 259 -3.44 5.60 -11.29
C GLN C 259 -2.03 6.05 -10.99
N TRP C 260 -1.58 5.74 -9.77
CA TRP C 260 -0.30 6.21 -9.25
C TRP C 260 0.33 5.10 -8.40
N VAL C 261 1.61 5.23 -8.13
CA VAL C 261 2.30 4.17 -7.40
C VAL C 261 3.37 4.77 -6.59
N LEU C 262 3.39 4.56 -5.27
CA LEU C 262 4.50 5.03 -4.46
C LEU C 262 5.68 4.08 -4.58
N PHE C 263 6.62 4.47 -5.44
CA PHE C 263 7.85 3.69 -5.63
C PHE C 263 8.88 4.15 -4.61
N TYR C 264 8.80 3.53 -3.44
CA TYR C 264 9.75 3.74 -2.36
C TYR C 264 11.07 2.94 -2.49
C2 BGC D . -10.16 13.19 -24.44
C3 BGC D . -10.04 12.67 -23.01
C4 BGC D . -11.19 13.19 -22.16
C5 BGC D . -12.53 12.93 -22.82
C6 BGC D . -13.67 13.49 -22.00
C1 BGC D . -11.55 12.91 -24.99
O1 BGC D . -11.66 13.46 -26.30
O2 BGC D . -9.18 12.54 -25.26
O3 BGC D . -8.79 13.11 -22.45
O4 BGC D . -11.15 12.58 -20.87
O5 BGC D . -12.53 13.50 -24.13
O6 BGC D . -14.92 13.22 -22.68
C1 GAL D . -10.99 13.54 -19.82
C2 GAL D . -11.24 12.83 -18.48
C3 GAL D . -11.03 13.80 -17.33
C4 GAL D . -9.64 14.49 -17.49
C5 GAL D . -9.49 15.09 -18.88
C6 GAL D . -8.36 16.01 -19.02
O2 GAL D . -12.57 12.35 -18.42
O3 GAL D . -11.05 13.11 -16.10
O4 GAL D . -8.60 13.52 -17.26
O5 GAL D . -9.67 14.06 -19.86
O6 GAL D . -7.98 16.26 -20.38
C2 BGC E . 9.77 19.12 32.37
C3 BGC E . 9.12 18.13 31.43
C4 BGC E . 9.88 18.05 30.12
C5 BGC E . 11.37 17.82 30.37
C6 BGC E . 12.14 17.81 29.06
C1 BGC E . 11.26 18.83 32.51
O1 BGC E . 11.87 19.82 33.34
O2 BGC E . 9.15 19.04 33.67
O3 BGC E . 7.77 18.52 31.18
O4 BGC E . 9.36 16.99 29.32
O5 BGC E . 11.87 18.84 31.22
O6 BGC E . 13.54 17.59 29.33
C1 GAL E . 8.85 17.48 28.08
C2 GAL E . 8.56 16.27 27.17
C3 GAL E . 7.96 16.73 25.84
C4 GAL E . 6.74 17.67 26.14
C5 GAL E . 7.14 18.79 27.11
C6 GAL E . 6.17 19.88 27.19
O2 GAL E . 9.76 15.58 26.88
O3 GAL E . 7.50 15.64 25.09
O4 GAL E . 5.67 16.90 26.70
O5 GAL E . 7.64 18.21 28.31
O6 GAL E . 6.33 20.70 28.34
C1 NAG F . -0.41 28.03 25.52
C2 NAG F . -0.59 29.48 26.06
C3 NAG F . -0.24 29.52 27.56
C4 NAG F . -1.14 28.50 28.26
C5 NAG F . -1.07 27.12 27.60
C6 NAG F . -2.03 26.15 28.28
C7 NAG F . -0.21 31.71 25.28
C8 NAG F . 0.40 32.42 24.16
N2 NAG F . 0.12 30.42 25.25
O3 NAG F . -0.54 30.79 28.11
O4 NAG F . -0.82 28.34 29.64
O5 NAG F . -1.37 27.21 26.20
O6 NAG F . -3.37 26.64 28.21
O7 NAG F . -1.00 32.21 26.06
#